data_7M0T
#
_entry.id   7M0T
#
_cell.length_a   116.964
_cell.length_b   116.964
_cell.length_c   129.733
_cell.angle_alpha   90.000
_cell.angle_beta   90.000
_cell.angle_gamma   120.000
#
_symmetry.space_group_name_H-M   'P 31 2 1'
#
loop_
_entity.id
_entity.type
_entity.pdbx_description
1 polymer 'Dual specificity mitogen-activated protein kinase kinase 1'
2 polymer 'Serine/threonine-protein kinase B-raf'
3 non-polymer 5-[(4-bromo-2-chlorophenyl)amino]-4-fluoro-N-(2-hydroxyethoxy)-1-methyl-1H-benzimidazole-6-carboxamide
4 non-polymer 'PHOSPHOAMINOPHOSPHONIC ACID-ADENYLATE ESTER'
5 non-polymer 'MAGNESIUM ION'
#
loop_
_entity_poly.entity_id
_entity_poly.type
_entity_poly.pdbx_seq_one_letter_code
_entity_poly.pdbx_strand_id
1 'polypeptide(L)'
;GGGRMPKKKPTPIQLNPAPDGSAVNGTSSAETNLEALQKKLEELELDEQQRKRLEAFLTQKQKVGELKDDDFEKISELGA
GNGGVVFKVSHKPSGLVMARKLIHLEIKPAIRNQIIRELQVLHECNSPYIVGFYGAFYSDGEISICMEHMDGGSLDQVLK
KAGRIPEQILGKVSIAVIKGLTYLREKHKIMHRDVKPSNILVNSRGEIKLCDFGVSGQLIDAMANAFVGTRSYMSPERLQ
GTHYSVQSDIWSMGLSLVEMAVGRYPIPPPDAKELELMFGCQVEGDAAETPPRPRTPGRPLSSYGMDSRPPMAIFELLDY
IVNEPPPKLPSGVFSLEFQDFVNKCLIKNPAERADLKQLMVHAFIKRSDAEEVDFAGWLCSTIGLNQPSTPTHAAGV
;
B
2 'polypeptide(L)'
;GGGRDSSDDWEIPDGQITVGQRIGSGSFGTVYKGKWHGDVAVKMLNVTAPTPQQLQAFKNEVGVLRKTRHVNILLFMGYS
TKPQLAIVTQWCEGSSLYHHLHIIETKFEMIKLIDIARQTAQGMDYLHAKSIIHRDLKSNNIFLHEDLTVKIGDFGLATV
KSRWSGSHQFEQLSGSILWMAPEVIRMQDKNPYSFQSDVYAFGIVLYELMTGQLPYSNINNRDQIIFMVGRGYLSPDLSK
VRSNCPKAMKRLMAECLKKKRDERPLFPQILASIELLARSLPK
;
A
#
# COMPACT_ATOMS: atom_id res chain seq x y z
N LEU A 46 -15.53 32.58 -4.37
CA LEU A 46 -15.00 32.70 -5.73
C LEU A 46 -14.31 34.07 -5.99
N ASP A 47 -13.58 34.20 -7.10
CA ASP A 47 -13.18 35.53 -7.61
C ASP A 47 -13.16 35.44 -9.13
N GLU A 48 -12.45 36.37 -9.77
CA GLU A 48 -12.52 36.50 -11.22
C GLU A 48 -11.42 35.71 -11.94
N GLN A 49 -10.21 35.69 -11.40
CA GLN A 49 -9.17 34.85 -11.99
C GLN A 49 -9.45 33.36 -11.79
N GLN A 50 -10.27 32.99 -10.81
CA GLN A 50 -10.60 31.58 -10.61
C GLN A 50 -11.77 31.17 -11.49
N ARG A 51 -12.79 32.03 -11.57
CA ARG A 51 -13.94 31.74 -12.42
C ARG A 51 -13.55 31.63 -13.88
N LYS A 52 -12.49 32.31 -14.28
CA LYS A 52 -11.90 32.10 -15.61
C LYS A 52 -11.28 30.72 -15.71
N ARG A 53 -10.30 30.42 -14.84
CA ARG A 53 -9.57 29.17 -14.90
C ARG A 53 -10.50 27.97 -14.74
N LEU A 54 -11.54 28.10 -13.92
CA LEU A 54 -12.51 27.02 -13.76
C LEU A 54 -13.30 26.79 -15.04
N GLU A 55 -13.73 27.87 -15.69
CA GLU A 55 -14.52 27.72 -16.90
C GLU A 55 -13.66 27.34 -18.11
N ALA A 56 -12.37 27.71 -18.09
CA ALA A 56 -11.48 27.37 -19.19
C ALA A 56 -11.14 25.89 -19.21
N PHE A 57 -11.21 25.23 -18.04
CA PHE A 57 -11.02 23.79 -17.96
C PHE A 57 -12.17 23.07 -18.63
N LEU A 58 -13.40 23.42 -18.25
CA LEU A 58 -14.61 22.82 -18.82
C LEU A 58 -14.59 22.85 -20.34
N THR A 59 -13.95 23.86 -20.94
CA THR A 59 -13.91 23.98 -22.39
C THR A 59 -12.97 22.95 -23.00
N GLN A 60 -11.76 22.81 -22.44
CA GLN A 60 -10.84 21.78 -22.90
C GLN A 60 -11.36 20.40 -22.56
N LYS A 61 -12.10 20.26 -21.46
CA LYS A 61 -12.68 18.97 -21.12
C LYS A 61 -13.73 18.53 -22.13
N GLN A 62 -14.46 19.49 -22.71
CA GLN A 62 -15.41 19.10 -23.74
C GLN A 62 -14.71 18.55 -24.98
N LYS A 63 -13.51 19.03 -25.29
CA LYS A 63 -12.77 18.56 -26.46
C LYS A 63 -12.36 17.10 -26.33
N VAL A 64 -12.46 16.55 -25.13
CA VAL A 64 -12.10 15.17 -24.84
C VAL A 64 -13.37 14.34 -24.80
N GLY A 65 -13.45 13.36 -25.69
CA GLY A 65 -14.63 12.52 -25.68
C GLY A 65 -14.40 11.22 -24.93
N GLU A 66 -14.51 10.12 -25.63
CA GLU A 66 -14.22 8.84 -25.01
C GLU A 66 -12.72 8.70 -24.83
N LEU A 67 -12.31 8.24 -23.65
CA LEU A 67 -10.90 8.03 -23.37
C LEU A 67 -10.52 6.60 -23.69
N LYS A 68 -9.65 6.41 -24.69
CA LYS A 68 -9.16 5.10 -25.10
C LYS A 68 -7.65 5.08 -24.94
N ASP A 69 -7.08 3.88 -24.73
CA ASP A 69 -5.65 3.74 -24.46
C ASP A 69 -4.78 4.00 -25.69
N ASP A 70 -5.37 4.07 -26.88
CA ASP A 70 -4.63 4.41 -28.09
C ASP A 70 -4.67 5.87 -28.44
N ASP A 71 -5.44 6.66 -27.70
CA ASP A 71 -5.43 8.10 -27.90
C ASP A 71 -4.32 8.80 -27.12
N PHE A 72 -3.47 8.04 -26.41
CA PHE A 72 -2.48 8.58 -25.49
C PHE A 72 -1.06 8.30 -25.92
N GLU A 73 -0.21 9.29 -25.72
CA GLU A 73 1.20 9.23 -26.05
C GLU A 73 2.03 9.58 -24.81
N LYS A 74 2.81 8.62 -24.35
CA LYS A 74 3.60 8.77 -23.14
C LYS A 74 4.72 9.80 -23.36
N ILE A 75 4.88 10.73 -22.41
CA ILE A 75 5.95 11.72 -22.42
C ILE A 75 7.01 11.41 -21.37
N SER A 76 6.65 11.43 -20.09
CA SER A 76 7.62 11.20 -19.03
C SER A 76 6.93 10.61 -17.82
N GLU A 77 7.72 9.99 -16.95
CA GLU A 77 7.16 9.49 -15.70
C GLU A 77 7.18 10.59 -14.66
N LEU A 78 6.11 10.69 -13.88
CA LEU A 78 6.03 11.73 -12.88
C LEU A 78 6.36 11.22 -11.49
N GLY A 79 5.74 10.14 -11.07
CA GLY A 79 6.02 9.60 -9.76
C GLY A 79 5.49 8.19 -9.64
N ALA A 80 5.70 7.58 -8.49
CA ALA A 80 5.14 6.27 -8.24
C ALA A 80 4.88 6.15 -6.75
N GLY A 81 4.00 5.22 -6.37
CA GLY A 81 3.68 4.97 -4.98
C GLY A 81 3.49 3.49 -4.76
N ASN A 82 3.04 3.10 -3.54
CA ASN A 82 2.75 1.68 -3.28
C ASN A 82 1.29 1.36 -3.64
N GLY A 83 0.99 1.58 -4.94
CA GLY A 83 -0.27 1.23 -5.57
C GLY A 83 -0.64 2.09 -6.77
N GLY A 84 0.33 2.42 -7.60
CA GLY A 84 0.05 3.29 -8.73
C GLY A 84 1.32 3.88 -9.27
N VAL A 85 1.28 4.26 -10.54
CA VAL A 85 2.36 5.01 -11.14
C VAL A 85 1.75 6.01 -12.10
N VAL A 86 2.42 7.14 -12.29
CA VAL A 86 1.79 8.29 -12.94
C VAL A 86 2.66 8.74 -14.09
N PHE A 87 2.07 9.02 -15.24
CA PHE A 87 2.80 9.47 -16.41
C PHE A 87 2.23 10.75 -16.94
N LYS A 88 3.09 11.63 -17.42
CA LYS A 88 2.64 12.79 -18.19
C LYS A 88 2.41 12.32 -19.61
N VAL A 89 1.24 12.59 -20.16
CA VAL A 89 0.79 12.00 -21.43
C VAL A 89 0.09 13.04 -22.27
N SER A 90 0.10 12.83 -23.59
CA SER A 90 -0.56 13.73 -24.52
C SER A 90 -1.74 13.01 -25.14
N HIS A 91 -2.94 13.60 -24.98
CA HIS A 91 -4.18 13.08 -25.57
C HIS A 91 -4.27 13.53 -27.01
N LYS A 92 -3.93 12.60 -27.92
CA LYS A 92 -3.73 12.94 -29.33
C LYS A 92 -4.98 13.56 -29.95
N PRO A 93 -6.18 13.02 -29.77
CA PRO A 93 -7.37 13.67 -30.36
C PRO A 93 -7.60 15.11 -29.93
N SER A 94 -7.02 15.56 -28.82
CA SER A 94 -7.22 16.93 -28.39
C SER A 94 -5.93 17.63 -28.00
N GLY A 95 -4.78 17.01 -28.21
CA GLY A 95 -3.50 17.58 -27.84
C GLY A 95 -3.30 17.95 -26.40
N LEU A 96 -4.36 17.94 -25.58
CA LEU A 96 -4.21 18.20 -24.15
C LEU A 96 -3.08 17.38 -23.57
N VAL A 97 -2.42 17.95 -22.57
CA VAL A 97 -1.48 17.21 -21.75
C VAL A 97 -2.15 17.01 -20.42
N MET A 98 -2.19 15.76 -19.97
CA MET A 98 -2.83 15.39 -18.75
C MET A 98 -1.86 14.55 -17.96
N ALA A 99 -2.23 14.22 -16.73
CA ALA A 99 -1.55 13.18 -15.99
C ALA A 99 -2.44 11.94 -15.97
N ARG A 100 -1.81 10.77 -16.05
CA ARG A 100 -2.54 9.51 -16.16
C ARG A 100 -2.01 8.53 -15.12
N LYS A 101 -2.74 8.38 -14.02
CA LYS A 101 -2.39 7.40 -12.99
C LYS A 101 -2.88 6.03 -13.44
N LEU A 102 -2.03 5.02 -13.27
CA LEU A 102 -2.37 3.65 -13.59
C LEU A 102 -2.31 2.81 -12.32
N ILE A 103 -3.48 2.37 -11.86
CA ILE A 103 -3.57 1.46 -10.72
C ILE A 103 -3.81 0.07 -11.26
N HIS A 104 -2.86 -0.84 -11.01
CA HIS A 104 -3.05 -2.25 -11.31
C HIS A 104 -3.59 -2.91 -10.06
N LEU A 105 -4.89 -3.18 -10.04
CA LEU A 105 -5.53 -3.92 -8.97
C LEU A 105 -5.82 -5.32 -9.44
N GLU A 106 -5.77 -6.28 -8.53
CA GLU A 106 -6.19 -7.63 -8.82
C GLU A 106 -7.49 -7.87 -8.08
N ILE A 107 -8.57 -7.44 -8.73
CA ILE A 107 -9.90 -7.56 -8.16
C ILE A 107 -10.79 -8.29 -9.13
N LYS A 108 -11.93 -8.73 -8.62
CA LYS A 108 -12.88 -9.37 -9.49
C LYS A 108 -13.51 -8.30 -10.38
N PRO A 109 -13.97 -8.68 -11.57
CA PRO A 109 -14.46 -7.66 -12.50
C PRO A 109 -15.68 -6.94 -12.01
N ALA A 110 -16.55 -7.62 -11.29
CA ALA A 110 -17.73 -6.95 -10.76
C ALA A 110 -17.33 -5.75 -9.91
N ILE A 111 -16.39 -5.96 -9.00
CA ILE A 111 -15.90 -4.88 -8.14
C ILE A 111 -15.23 -3.82 -8.99
N ARG A 112 -14.45 -4.26 -9.97
CA ARG A 112 -13.73 -3.31 -10.82
C ARG A 112 -14.67 -2.40 -11.57
N ASN A 113 -15.72 -2.94 -12.16
CA ASN A 113 -16.63 -2.11 -12.95
C ASN A 113 -17.45 -1.18 -12.09
N GLN A 114 -17.72 -1.56 -10.85
CA GLN A 114 -18.23 -0.61 -9.87
C GLN A 114 -17.25 0.54 -9.59
N ILE A 115 -15.97 0.22 -9.40
CA ILE A 115 -15.00 1.29 -9.14
C ILE A 115 -15.02 2.32 -10.26
N ILE A 116 -14.96 1.86 -11.51
CA ILE A 116 -14.97 2.78 -12.63
C ILE A 116 -16.20 3.65 -12.59
N ARG A 117 -17.36 3.05 -12.28
CA ARG A 117 -18.62 3.79 -12.19
C ARG A 117 -18.54 4.87 -11.09
N GLU A 118 -18.07 4.50 -9.90
CA GLU A 118 -18.02 5.45 -8.81
C GLU A 118 -17.08 6.61 -9.09
N LEU A 119 -16.03 6.33 -9.86
CA LEU A 119 -15.05 7.33 -10.22
C LEU A 119 -15.60 8.38 -11.18
N GLN A 120 -16.86 8.25 -11.61
CA GLN A 120 -17.37 9.26 -12.54
C GLN A 120 -18.01 10.41 -11.80
N VAL A 121 -18.25 10.28 -10.49
CA VAL A 121 -18.68 11.40 -9.66
C VAL A 121 -17.65 12.52 -9.70
N LEU A 122 -16.40 12.19 -10.05
CA LEU A 122 -15.34 13.17 -10.18
C LEU A 122 -15.57 14.15 -11.32
N HIS A 123 -16.48 13.86 -12.24
CA HIS A 123 -16.85 14.90 -13.20
C HIS A 123 -17.68 15.99 -12.54
N GLU A 124 -18.20 15.78 -11.34
CA GLU A 124 -18.89 16.83 -10.58
C GLU A 124 -17.98 17.66 -9.68
N CYS A 125 -16.80 17.16 -9.32
CA CYS A 125 -15.88 17.93 -8.47
C CYS A 125 -15.24 18.98 -9.36
N ASN A 126 -15.67 20.24 -9.23
CA ASN A 126 -15.07 21.33 -9.98
C ASN A 126 -14.86 22.49 -9.00
N SER A 127 -13.65 22.58 -8.47
CA SER A 127 -13.24 23.60 -7.51
C SER A 127 -11.81 23.99 -7.86
N PRO A 128 -11.44 25.25 -7.59
CA PRO A 128 -10.06 25.67 -7.75
C PRO A 128 -9.12 24.96 -6.80
N TYR A 129 -9.66 24.25 -5.81
CA TYR A 129 -8.87 23.54 -4.81
C TYR A 129 -8.93 22.05 -5.00
N ILE A 130 -9.41 21.56 -6.12
CA ILE A 130 -9.41 20.14 -6.41
C ILE A 130 -8.79 19.97 -7.78
N VAL A 131 -7.97 18.92 -7.93
CA VAL A 131 -7.30 18.69 -9.20
C VAL A 131 -8.34 18.35 -10.25
N GLY A 132 -8.15 18.91 -11.45
CA GLY A 132 -9.05 18.61 -12.55
C GLY A 132 -9.07 17.13 -12.89
N PHE A 133 -10.23 16.65 -13.35
CA PHE A 133 -10.44 15.25 -13.68
C PHE A 133 -10.99 15.11 -15.09
N TYR A 134 -10.30 14.35 -15.95
CA TYR A 134 -10.70 14.26 -17.35
C TYR A 134 -11.56 13.05 -17.66
N GLY A 135 -11.29 11.91 -17.02
CA GLY A 135 -12.03 10.70 -17.22
C GLY A 135 -11.31 9.54 -16.58
N ALA A 136 -12.01 8.47 -16.26
CA ALA A 136 -11.36 7.27 -15.77
C ALA A 136 -11.86 6.11 -16.60
N PHE A 137 -10.99 5.13 -16.82
CA PHE A 137 -11.36 3.94 -17.57
C PHE A 137 -10.44 2.78 -17.19
N TYR A 138 -10.70 1.63 -17.81
CA TYR A 138 -10.00 0.38 -17.56
C TYR A 138 -9.56 -0.25 -18.86
N SER A 139 -8.32 -0.75 -18.90
CA SER A 139 -7.78 -1.45 -20.06
C SER A 139 -6.47 -2.09 -19.67
N ASP A 140 -6.24 -3.29 -20.20
CA ASP A 140 -4.99 -4.05 -20.08
C ASP A 140 -4.68 -4.44 -18.64
N GLY A 141 -5.71 -4.62 -17.85
CA GLY A 141 -5.53 -4.98 -16.46
C GLY A 141 -5.23 -3.84 -15.54
N GLU A 142 -5.44 -2.59 -15.96
CA GLU A 142 -5.14 -1.41 -15.14
C GLU A 142 -6.21 -0.35 -15.24
N ILE A 143 -6.57 0.20 -14.10
CA ILE A 143 -7.45 1.35 -14.07
C ILE A 143 -6.60 2.56 -14.40
N SER A 144 -7.00 3.34 -15.40
CA SER A 144 -6.43 4.65 -15.62
C SER A 144 -7.35 5.71 -15.04
N ILE A 145 -6.78 6.67 -14.31
CA ILE A 145 -7.46 7.90 -13.92
C ILE A 145 -6.72 9.03 -14.59
N CYS A 146 -7.43 9.86 -15.31
CA CYS A 146 -6.82 10.92 -16.10
C CYS A 146 -7.17 12.26 -15.48
N MET A 147 -6.17 12.89 -14.89
CA MET A 147 -6.30 14.16 -14.17
C MET A 147 -5.43 15.23 -14.85
N GLU A 148 -5.66 16.48 -14.49
CA GLU A 148 -4.90 17.58 -15.07
C GLU A 148 -3.46 17.58 -14.58
N HIS A 149 -2.57 18.06 -15.44
CA HIS A 149 -1.17 18.11 -15.07
C HIS A 149 -0.97 19.26 -14.10
N MET A 150 -0.41 18.96 -12.95
CA MET A 150 0.07 19.98 -12.03
C MET A 150 1.58 19.99 -12.12
N ASP A 151 2.14 21.01 -12.78
CA ASP A 151 3.55 21.00 -13.14
C ASP A 151 4.49 21.25 -11.96
N GLY A 152 3.98 21.55 -10.76
CA GLY A 152 4.86 21.66 -9.60
C GLY A 152 5.04 20.38 -8.83
N GLY A 153 4.08 19.45 -8.94
CA GLY A 153 4.17 18.15 -8.33
C GLY A 153 3.50 18.13 -6.99
N SER A 154 3.63 17.03 -6.28
CA SER A 154 3.07 17.00 -4.95
C SER A 154 4.01 17.72 -3.99
N LEU A 155 3.43 18.30 -2.93
CA LEU A 155 4.27 18.98 -1.95
C LEU A 155 5.31 18.06 -1.37
N ASP A 156 5.10 16.75 -1.47
CA ASP A 156 6.06 15.78 -0.95
C ASP A 156 7.33 15.74 -1.78
N GLN A 157 7.20 15.93 -3.11
CA GLN A 157 8.38 16.18 -3.93
C GLN A 157 8.97 17.51 -3.61
N VAL A 158 8.13 18.54 -3.50
CA VAL A 158 8.62 19.89 -3.27
C VAL A 158 9.34 19.97 -1.93
N LEU A 159 8.87 19.23 -0.93
CA LEU A 159 9.58 19.23 0.34
C LEU A 159 11.01 18.73 0.18
N LYS A 160 11.22 17.66 -0.61
CA LYS A 160 12.57 17.12 -0.83
C LYS A 160 13.47 18.16 -1.48
N LYS A 161 13.02 18.77 -2.57
CA LYS A 161 13.81 19.81 -3.19
C LYS A 161 14.06 21.02 -2.28
N ALA A 162 13.22 21.25 -1.27
CA ALA A 162 13.33 22.44 -0.45
C ALA A 162 13.88 22.19 0.94
N GLY A 163 13.86 20.96 1.41
CA GLY A 163 14.31 20.69 2.77
C GLY A 163 13.28 20.98 3.85
N ARG A 164 12.96 22.25 4.03
CA ARG A 164 11.88 22.69 4.88
C ARG A 164 11.07 23.71 4.08
N ILE A 165 9.83 23.94 4.51
CA ILE A 165 8.97 24.91 3.84
C ILE A 165 8.68 26.07 4.77
N PRO A 166 8.67 27.29 4.27
CA PRO A 166 8.45 28.45 5.13
C PRO A 166 7.04 28.52 5.65
N GLU A 167 6.90 28.79 6.94
CA GLU A 167 5.60 29.17 7.48
C GLU A 167 4.75 30.12 6.64
N GLN A 168 5.33 31.12 5.97
CA GLN A 168 4.51 32.01 5.14
C GLN A 168 3.88 31.25 3.99
N ILE A 169 4.56 30.21 3.53
CA ILE A 169 4.05 29.37 2.45
C ILE A 169 3.06 28.36 3.00
N LEU A 170 3.47 27.61 4.03
CA LEU A 170 2.53 26.77 4.72
C LEU A 170 1.28 27.53 5.13
N GLY A 171 1.36 28.86 5.25
CA GLY A 171 0.17 29.61 5.56
C GLY A 171 -0.79 29.49 4.41
N LYS A 172 -0.34 29.91 3.23
CA LYS A 172 -1.17 29.81 2.04
C LYS A 172 -1.58 28.38 1.75
N VAL A 173 -0.75 27.39 2.11
CA VAL A 173 -1.12 26.01 1.85
C VAL A 173 -2.28 25.57 2.73
N SER A 174 -2.23 25.90 4.03
CA SER A 174 -3.28 25.46 4.92
C SER A 174 -4.62 26.01 4.47
N ILE A 175 -4.62 27.24 3.97
CA ILE A 175 -5.80 27.83 3.34
C ILE A 175 -6.38 26.92 2.28
N ALA A 176 -5.59 26.60 1.25
CA ALA A 176 -6.12 25.75 0.18
C ALA A 176 -6.68 24.44 0.73
N VAL A 177 -5.95 23.78 1.64
CA VAL A 177 -6.41 22.49 2.12
C VAL A 177 -7.68 22.64 2.95
N ILE A 178 -7.86 23.78 3.60
CA ILE A 178 -9.08 23.97 4.35
C ILE A 178 -10.24 24.25 3.39
N LYS A 179 -9.96 24.98 2.31
CA LYS A 179 -11.00 25.22 1.31
C LYS A 179 -11.35 23.94 0.58
N GLY A 180 -10.34 23.12 0.26
CA GLY A 180 -10.60 21.90 -0.47
C GLY A 180 -11.43 20.91 0.33
N LEU A 181 -11.12 20.78 1.62
CA LEU A 181 -11.88 19.84 2.44
C LEU A 181 -13.28 20.34 2.71
N THR A 182 -13.46 21.65 2.78
CA THR A 182 -14.82 22.19 2.87
C THR A 182 -15.62 21.82 1.63
N TYR A 183 -15.19 22.30 0.47
CA TYR A 183 -15.88 21.98 -0.77
C TYR A 183 -16.19 20.48 -0.89
N LEU A 184 -15.41 19.62 -0.25
CA LEU A 184 -15.73 18.20 -0.36
C LEU A 184 -16.77 17.76 0.65
N ARG A 185 -16.81 18.37 1.84
CA ARG A 185 -17.78 17.95 2.84
C ARG A 185 -19.16 18.52 2.56
N GLU A 186 -19.21 19.77 2.08
CA GLU A 186 -20.50 20.41 1.82
C GLU A 186 -21.09 19.96 0.48
N LYS A 187 -20.37 20.24 -0.61
CA LYS A 187 -20.92 20.05 -1.94
C LYS A 187 -21.01 18.59 -2.38
N HIS A 188 -20.28 17.66 -1.73
CA HIS A 188 -20.32 16.26 -2.10
C HIS A 188 -20.45 15.27 -0.95
N LYS A 189 -20.35 15.71 0.29
CA LYS A 189 -20.51 14.88 1.49
C LYS A 189 -19.53 13.72 1.51
N ILE A 190 -18.56 13.71 0.58
CA ILE A 190 -17.43 12.77 0.56
C ILE A 190 -16.26 13.44 1.29
N MET A 191 -15.59 12.65 2.15
CA MET A 191 -14.44 13.13 2.92
C MET A 191 -13.16 12.55 2.37
N HIS A 192 -12.10 13.36 2.35
CA HIS A 192 -10.84 13.00 1.70
C HIS A 192 -10.33 11.67 2.22
N ARG A 193 -10.16 11.58 3.52
CA ARG A 193 -9.72 10.37 4.18
C ARG A 193 -8.26 10.05 3.87
N ASP A 194 -7.55 10.93 3.15
CA ASP A 194 -6.14 10.67 2.85
C ASP A 194 -5.36 11.96 2.62
N VAL A 195 -5.32 12.86 3.59
CA VAL A 195 -4.61 14.11 3.38
C VAL A 195 -3.16 13.92 3.81
N LYS A 196 -2.24 14.09 2.89
CA LYS A 196 -0.81 13.96 3.17
C LYS A 196 -0.08 14.80 2.12
N PRO A 197 1.22 15.04 2.30
CA PRO A 197 1.88 16.04 1.44
C PRO A 197 1.84 15.62 -0.01
N SER A 198 1.90 14.32 -0.24
CA SER A 198 1.88 13.73 -1.57
C SER A 198 0.54 13.73 -2.24
N ASN A 199 -0.53 14.26 -1.62
CA ASN A 199 -1.86 14.39 -2.23
C ASN A 199 -2.26 15.84 -2.39
N ILE A 200 -1.38 16.74 -1.99
CA ILE A 200 -1.52 18.17 -2.23
C ILE A 200 -0.67 18.49 -3.44
N LEU A 201 -1.31 18.91 -4.51
CA LEU A 201 -0.61 19.23 -5.73
C LEU A 201 -0.59 20.73 -5.99
N VAL A 202 0.50 21.20 -6.61
CA VAL A 202 0.78 22.63 -6.81
C VAL A 202 1.35 22.86 -8.21
N ASN A 203 1.05 24.02 -8.81
CA ASN A 203 1.52 24.25 -10.17
C ASN A 203 2.14 25.65 -10.28
N SER A 204 2.64 25.97 -11.48
CA SER A 204 3.35 27.23 -11.71
C SER A 204 2.44 28.45 -11.65
N ARG A 205 1.14 28.31 -11.90
CA ARG A 205 0.21 29.42 -11.73
C ARG A 205 -0.14 29.69 -10.26
N GLY A 206 0.59 29.08 -9.32
CA GLY A 206 0.40 29.30 -7.90
C GLY A 206 -0.77 28.58 -7.27
N GLU A 207 -1.40 27.61 -7.97
CA GLU A 207 -2.56 26.91 -7.44
C GLU A 207 -2.13 25.80 -6.50
N ILE A 208 -2.88 25.63 -5.42
CA ILE A 208 -2.71 24.51 -4.53
C ILE A 208 -4.01 23.77 -4.56
N LYS A 209 -3.96 22.47 -4.80
CA LYS A 209 -5.12 21.63 -5.04
C LYS A 209 -4.96 20.28 -4.37
N LEU A 210 -6.06 19.77 -3.84
CA LEU A 210 -6.14 18.42 -3.31
C LEU A 210 -6.45 17.41 -4.41
N CYS A 211 -6.05 16.17 -4.16
CA CYS A 211 -6.42 15.06 -5.01
C CYS A 211 -6.24 13.79 -4.20
N ASP A 212 -6.51 12.65 -4.85
CA ASP A 212 -6.32 11.30 -4.30
C ASP A 212 -7.26 11.08 -3.09
N PHE A 213 -8.50 11.56 -3.21
CA PHE A 213 -9.48 11.51 -2.14
C PHE A 213 -10.53 10.42 -2.36
N GLY A 214 -10.94 9.79 -1.25
CA GLY A 214 -11.83 8.64 -1.26
C GLY A 214 -13.23 8.89 -1.78
N VAL A 215 -13.35 9.12 -3.09
CA VAL A 215 -14.67 9.23 -3.70
C VAL A 215 -15.23 7.85 -4.00
N SER A 216 -14.37 6.92 -4.37
CA SER A 216 -14.77 5.57 -4.73
C SER A 216 -14.70 4.73 -3.47
N GLY A 217 -15.87 4.46 -2.88
CA GLY A 217 -15.91 3.67 -1.66
C GLY A 217 -15.43 2.23 -1.83
N GLN A 218 -15.49 1.70 -3.05
CA GLN A 218 -15.01 0.35 -3.31
C GLN A 218 -13.50 0.32 -3.55
N LEU A 219 -12.93 1.41 -4.08
CA LEU A 219 -11.49 1.51 -4.20
C LEU A 219 -10.84 1.54 -2.82
N ILE A 220 -11.51 2.20 -1.87
CA ILE A 220 -11.07 2.21 -0.48
C ILE A 220 -10.93 0.77 0.04
N ASP A 221 -11.92 -0.09 -0.27
CA ASP A 221 -11.92 -1.51 0.11
C ASP A 221 -10.77 -2.29 -0.56
N ALA A 222 -10.50 -2.00 -1.85
CA ALA A 222 -9.43 -2.66 -2.62
C ALA A 222 -8.05 -2.13 -2.26
N MET A 223 -7.98 -0.85 -1.84
CA MET A 223 -6.73 -0.29 -1.36
C MET A 223 -6.25 -0.99 -0.09
N ALA A 224 -7.18 -1.60 0.67
CA ALA A 224 -6.91 -2.16 2.01
C ALA A 224 -6.08 -3.43 1.98
N ASN A 225 -5.93 -4.08 0.82
CA ASN A 225 -5.02 -5.20 0.66
C ASN A 225 -3.67 -4.77 0.09
N ALA A 226 -3.32 -3.48 0.24
CA ALA A 226 -1.94 -3.09 -0.03
C ALA A 226 -1.03 -3.64 1.08
N PHE A 227 0.25 -3.82 0.75
CA PHE A 227 1.20 -4.11 1.80
C PHE A 227 1.46 -2.85 2.61
N VAL A 228 2.07 -3.08 3.77
CA VAL A 228 2.60 -2.04 4.64
C VAL A 228 3.32 -0.90 3.88
N GLY A 229 3.12 0.33 4.37
CA GLY A 229 3.88 1.48 3.93
C GLY A 229 4.98 1.86 4.93
N THR A 230 5.69 2.95 4.61
CA THR A 230 6.74 3.45 5.50
C THR A 230 6.13 4.00 6.78
N ARG A 231 5.13 4.86 6.62
CA ARG A 231 4.64 5.75 7.66
C ARG A 231 3.14 5.91 7.45
N SER A 232 2.48 6.61 8.37
CA SER A 232 1.00 6.74 8.30
C SER A 232 0.50 8.09 8.87
N TYR A 233 -0.38 8.77 8.14
CA TYR A 233 -0.93 10.08 8.60
C TYR A 233 -2.33 9.82 9.17
N MET A 234 -2.63 8.56 9.51
CA MET A 234 -3.94 8.18 10.03
C MET A 234 -4.13 8.70 11.45
N SER A 235 -5.18 9.50 11.64
CA SER A 235 -5.57 10.00 12.95
C SER A 235 -5.81 8.85 13.91
N PRO A 236 -5.67 9.10 15.23
CA PRO A 236 -5.73 7.99 16.19
C PRO A 236 -7.09 7.32 16.36
N GLU A 237 -8.20 8.01 16.09
CA GLU A 237 -9.49 7.34 16.14
C GLU A 237 -9.65 6.38 14.96
N ARG A 238 -9.17 6.76 13.78
CA ARG A 238 -9.30 5.87 12.63
C ARG A 238 -8.50 4.59 12.84
N LEU A 239 -7.33 4.70 13.48
CA LEU A 239 -6.57 3.50 13.76
C LEU A 239 -7.28 2.59 14.74
N GLN A 240 -8.33 3.08 15.37
CA GLN A 240 -9.10 2.31 16.35
C GLN A 240 -10.55 2.15 15.97
N GLY A 241 -11.13 3.15 15.34
CA GLY A 241 -12.56 3.21 15.22
C GLY A 241 -12.93 3.56 13.80
N THR A 242 -13.53 4.72 13.58
CA THR A 242 -13.97 5.07 12.24
C THR A 242 -13.80 6.56 11.97
N HIS A 243 -13.70 6.86 10.66
CA HIS A 243 -13.65 8.21 10.10
C HIS A 243 -14.68 9.07 10.80
N TYR A 244 -14.19 10.01 11.60
CA TYR A 244 -14.99 10.80 12.50
C TYR A 244 -15.31 12.15 11.85
N SER A 245 -16.15 12.07 10.82
CA SER A 245 -16.43 13.20 9.95
C SER A 245 -15.13 13.83 9.43
N VAL A 246 -15.22 15.10 9.03
CA VAL A 246 -14.06 15.83 8.57
C VAL A 246 -12.97 15.95 9.61
N GLN A 247 -13.25 15.74 10.90
CA GLN A 247 -12.23 16.00 11.91
C GLN A 247 -11.01 15.13 11.74
N SER A 248 -11.19 13.92 11.19
CA SER A 248 -10.09 13.00 11.08
C SER A 248 -9.18 13.30 9.91
N ASP A 249 -9.66 14.09 8.95
CA ASP A 249 -8.82 14.65 7.90
C ASP A 249 -8.00 15.80 8.43
N ILE A 250 -8.55 16.54 9.39
CA ILE A 250 -7.87 17.70 9.96
C ILE A 250 -6.62 17.28 10.68
N TRP A 251 -6.65 16.18 11.41
CA TRP A 251 -5.43 15.65 11.99
C TRP A 251 -4.36 15.46 10.94
N SER A 252 -4.74 14.83 9.81
CA SER A 252 -3.77 14.53 8.77
C SER A 252 -3.12 15.81 8.26
N MET A 253 -3.94 16.82 7.98
CA MET A 253 -3.41 18.10 7.56
C MET A 253 -2.44 18.66 8.59
N GLY A 254 -2.71 18.44 9.87
CA GLY A 254 -1.82 18.96 10.89
C GLY A 254 -0.48 18.27 10.86
N LEU A 255 -0.49 16.95 10.98
CA LEU A 255 0.73 16.17 10.84
C LEU A 255 1.50 16.56 9.60
N SER A 256 0.80 16.84 8.50
CA SER A 256 1.51 17.18 7.28
C SER A 256 2.11 18.57 7.32
N LEU A 257 1.46 19.50 8.01
CA LEU A 257 2.06 20.81 8.20
C LEU A 257 3.35 20.71 8.97
N VAL A 258 3.38 19.92 10.04
CA VAL A 258 4.60 19.75 10.82
C VAL A 258 5.72 19.14 9.98
N GLU A 259 5.42 18.06 9.27
CA GLU A 259 6.42 17.39 8.46
C GLU A 259 7.01 18.36 7.46
N MET A 260 6.16 19.12 6.78
CA MET A 260 6.67 20.11 5.86
C MET A 260 7.38 21.27 6.57
N ALA A 261 6.98 21.60 7.80
CA ALA A 261 7.56 22.75 8.49
C ALA A 261 8.99 22.49 8.92
N VAL A 262 9.23 21.28 9.41
CA VAL A 262 10.55 20.90 9.88
C VAL A 262 11.35 20.17 8.82
N GLY A 263 10.70 19.53 7.86
CA GLY A 263 11.42 18.72 6.89
C GLY A 263 11.67 17.26 7.25
N ARG A 264 10.84 16.67 8.08
CA ARG A 264 11.04 15.33 8.57
C ARG A 264 9.68 14.83 9.02
N TYR A 265 9.37 13.57 8.72
CA TYR A 265 8.17 12.99 9.27
C TYR A 265 8.22 12.97 10.79
N PRO A 266 7.24 13.58 11.47
CA PRO A 266 7.45 13.94 12.89
C PRO A 266 7.15 12.87 13.92
N ILE A 267 7.26 11.60 13.56
CA ILE A 267 6.99 10.51 14.48
C ILE A 267 8.13 9.51 14.38
N PRO A 268 8.90 9.27 15.45
CA PRO A 268 8.81 10.02 16.71
C PRO A 268 9.44 11.44 16.62
N PRO A 269 9.12 12.32 17.58
CA PRO A 269 9.57 13.71 17.48
C PRO A 269 11.08 13.81 17.46
N PRO A 270 11.63 14.92 16.97
CA PRO A 270 13.08 15.00 16.78
C PRO A 270 13.80 14.93 18.11
N ASP A 271 15.04 14.44 18.04
CA ASP A 271 15.90 14.33 19.22
C ASP A 271 16.18 15.73 19.80
N ALA A 272 16.82 15.73 20.97
CA ALA A 272 17.15 16.99 21.63
C ALA A 272 18.07 17.86 20.75
N LYS A 273 19.13 17.27 20.18
CA LYS A 273 20.12 18.01 19.38
C LYS A 273 19.97 17.84 17.87
N GLU A 274 19.15 16.88 17.41
CA GLU A 274 18.70 16.87 16.01
C GLU A 274 17.85 18.08 15.71
N LEU A 275 17.10 18.55 16.72
CA LEU A 275 16.23 19.71 16.58
C LEU A 275 17.06 20.99 16.49
N GLU A 276 18.03 21.19 17.41
CA GLU A 276 18.98 22.30 17.33
C GLU A 276 19.81 22.25 16.05
N LEU A 277 19.82 21.10 15.39
CA LEU A 277 20.28 20.96 14.01
C LEU A 277 19.12 21.35 13.09
N MET A 278 18.91 22.66 12.98
CA MET A 278 17.77 23.20 12.28
C MET A 278 18.17 23.92 11.00
N PRO A 311 15.49 3.33 12.85
CA PRO A 311 14.27 3.74 12.14
C PRO A 311 13.07 2.89 12.54
N MET A 312 11.93 3.53 12.82
CA MET A 312 10.85 2.88 13.56
C MET A 312 9.91 2.02 12.73
N ALA A 313 9.56 0.84 13.29
CA ALA A 313 8.67 -0.14 12.67
C ALA A 313 7.24 0.36 12.55
N ILE A 314 6.61 0.03 11.42
CA ILE A 314 5.28 0.56 11.10
C ILE A 314 4.32 0.34 12.25
N PHE A 315 4.36 -0.83 12.87
CA PHE A 315 3.45 -1.05 13.99
C PHE A 315 3.74 -0.08 15.11
N GLU A 316 5.02 0.13 15.43
CA GLU A 316 5.30 0.96 16.58
C GLU A 316 4.91 2.40 16.34
N LEU A 317 4.96 2.86 15.09
CA LEU A 317 4.45 4.20 14.78
C LEU A 317 2.97 4.29 15.08
N LEU A 318 2.20 3.32 14.64
CA LEU A 318 0.78 3.38 14.91
C LEU A 318 0.52 3.27 16.40
N ASP A 319 1.37 2.55 17.13
CA ASP A 319 1.18 2.48 18.56
C ASP A 319 1.56 3.81 19.21
N TYR A 320 2.62 4.45 18.71
CA TYR A 320 2.96 5.79 19.16
C TYR A 320 1.87 6.79 18.85
N ILE A 321 1.30 6.76 17.64
CA ILE A 321 0.27 7.75 17.33
C ILE A 321 -0.88 7.61 18.31
N VAL A 322 -1.14 6.38 18.76
CA VAL A 322 -2.30 6.14 19.62
C VAL A 322 -1.98 6.40 21.08
N ASN A 323 -0.82 5.93 21.54
CA ASN A 323 -0.57 5.84 22.96
C ASN A 323 0.53 6.81 23.41
N GLU A 324 0.70 7.93 22.71
CA GLU A 324 1.73 8.91 23.06
C GLU A 324 1.21 10.29 22.72
N PRO A 325 1.70 11.32 23.41
CA PRO A 325 1.24 12.67 23.12
C PRO A 325 1.57 13.04 21.70
N PRO A 326 0.75 13.89 21.08
CA PRO A 326 0.92 14.21 19.67
C PRO A 326 2.15 15.04 19.45
N PRO A 327 2.64 15.14 18.22
CA PRO A 327 3.80 16.01 17.97
C PRO A 327 3.42 17.49 18.08
N LYS A 328 4.45 18.31 18.14
CA LYS A 328 4.28 19.74 18.28
C LYS A 328 5.39 20.38 17.48
N LEU A 329 5.27 21.68 17.26
CA LEU A 329 6.33 22.42 16.59
C LEU A 329 7.49 22.71 17.56
N PRO A 330 8.71 22.98 17.01
CA PRO A 330 9.89 23.15 17.85
C PRO A 330 9.67 23.94 19.13
N SER A 331 9.68 25.27 19.02
CA SER A 331 9.86 26.06 20.23
C SER A 331 9.78 27.54 19.94
N GLY A 332 10.82 28.08 19.33
CA GLY A 332 10.82 29.50 19.16
C GLY A 332 10.94 29.83 17.69
N VAL A 333 11.07 28.77 16.90
CA VAL A 333 11.40 28.92 15.49
C VAL A 333 10.21 29.37 14.68
N PHE A 334 8.99 29.04 15.12
CA PHE A 334 7.77 29.43 14.42
C PHE A 334 6.94 30.32 15.33
N SER A 335 6.03 31.09 14.71
CA SER A 335 5.19 31.97 15.49
C SER A 335 4.37 31.19 16.50
N LEU A 336 3.66 31.92 17.35
CA LEU A 336 2.77 31.21 18.26
C LEU A 336 1.43 30.93 17.60
N GLU A 337 1.00 31.81 16.70
CA GLU A 337 -0.19 31.54 15.92
C GLU A 337 -0.07 30.21 15.20
N PHE A 338 1.08 30.00 14.56
CA PHE A 338 1.29 28.75 13.84
C PHE A 338 1.41 27.59 14.82
N GLN A 339 2.25 27.71 15.84
CA GLN A 339 2.37 26.61 16.80
C GLN A 339 1.02 26.25 17.36
N ASP A 340 0.17 27.23 17.57
CA ASP A 340 -1.12 26.92 18.15
C ASP A 340 -2.04 26.28 17.13
N PHE A 341 -2.03 26.80 15.91
CA PHE A 341 -2.82 26.25 14.82
C PHE A 341 -2.59 24.75 14.70
N VAL A 342 -1.34 24.33 14.61
CA VAL A 342 -1.10 22.90 14.47
C VAL A 342 -1.39 22.19 15.76
N ASN A 343 -1.31 22.87 16.89
CA ASN A 343 -1.61 22.16 18.12
C ASN A 343 -3.10 21.86 18.20
N LYS A 344 -3.93 22.78 17.75
CA LYS A 344 -5.35 22.50 17.71
C LYS A 344 -5.68 21.39 16.72
N CYS A 345 -4.91 21.29 15.64
CA CYS A 345 -5.16 20.23 14.67
C CYS A 345 -4.74 18.87 15.19
N LEU A 346 -3.79 18.77 16.13
CA LEU A 346 -3.23 17.49 16.51
C LEU A 346 -3.74 17.02 17.87
N ILE A 347 -4.92 17.47 18.27
CA ILE A 347 -5.56 16.96 19.49
C ILE A 347 -5.99 15.53 19.27
N LYS A 348 -5.66 14.66 20.22
CA LYS A 348 -5.97 13.24 20.05
C LYS A 348 -7.46 12.94 20.19
N ASN A 349 -8.22 13.73 20.94
CA ASN A 349 -9.67 13.54 20.91
C ASN A 349 -10.26 14.24 19.69
N PRO A 350 -10.96 13.52 18.80
CA PRO A 350 -11.48 14.15 17.56
C PRO A 350 -12.48 15.26 17.78
N ALA A 351 -13.25 15.21 18.87
CA ALA A 351 -14.30 16.17 19.12
C ALA A 351 -13.73 17.44 19.70
N GLU A 352 -12.71 17.32 20.55
CA GLU A 352 -12.05 18.50 21.09
C GLU A 352 -11.20 19.16 20.01
N ARG A 353 -10.71 18.37 19.06
CA ARG A 353 -9.95 18.86 17.92
C ARG A 353 -10.73 19.93 17.17
N ALA A 354 -10.01 20.85 16.54
CA ALA A 354 -10.65 21.93 15.82
C ALA A 354 -11.43 21.41 14.62
N ASP A 355 -12.49 22.10 14.24
CA ASP A 355 -13.20 21.70 13.04
C ASP A 355 -12.92 22.73 11.96
N LEU A 356 -13.49 22.51 10.78
CA LEU A 356 -13.22 23.43 9.68
C LEU A 356 -13.73 24.83 10.01
N LYS A 357 -14.89 24.91 10.66
CA LYS A 357 -15.47 26.21 10.95
C LYS A 357 -14.50 27.02 11.78
N GLN A 358 -13.74 26.37 12.68
CA GLN A 358 -12.87 27.08 13.61
C GLN A 358 -11.53 27.41 12.98
N LEU A 359 -10.91 26.46 12.29
CA LEU A 359 -9.61 26.72 11.67
C LEU A 359 -9.72 27.84 10.66
N MET A 360 -10.87 27.96 10.04
CA MET A 360 -11.10 28.96 9.01
C MET A 360 -10.84 30.37 9.53
N VAL A 361 -11.05 30.62 10.83
CA VAL A 361 -10.91 31.94 11.41
C VAL A 361 -9.91 31.93 12.56
N HIS A 362 -8.98 30.98 12.56
CA HIS A 362 -7.88 31.02 13.51
C HIS A 362 -6.95 32.17 13.19
N ALA A 363 -6.19 32.60 14.19
CA ALA A 363 -5.28 33.72 14.03
C ALA A 363 -4.27 33.46 12.92
N PHE A 364 -3.56 32.32 12.98
CA PHE A 364 -2.57 31.98 11.96
C PHE A 364 -3.16 32.03 10.55
N ILE A 365 -4.45 31.72 10.39
CA ILE A 365 -5.05 31.71 9.07
C ILE A 365 -5.48 33.11 8.66
N LYS A 366 -6.00 33.87 9.63
CA LYS A 366 -6.40 35.24 9.36
C LYS A 366 -5.19 36.07 8.93
N ARG A 367 -4.04 35.85 9.58
CA ARG A 367 -2.81 36.54 9.17
C ARG A 367 -2.33 36.07 7.80
N SER A 368 -2.20 34.76 7.60
CA SER A 368 -1.57 34.22 6.39
C SER A 368 -2.38 34.47 5.14
N ASP A 369 -3.68 34.79 5.28
CA ASP A 369 -4.51 35.25 4.17
C ASP A 369 -4.25 36.70 3.81
N ALA A 370 -3.92 37.51 4.80
CA ALA A 370 -3.62 38.91 4.53
C ALA A 370 -2.27 39.06 3.85
N GLU A 371 -1.29 38.22 4.24
CA GLU A 371 0.05 38.25 3.65
C GLU A 371 -0.03 38.08 2.13
N GLU A 372 0.71 38.92 1.43
CA GLU A 372 0.79 38.82 -0.02
C GLU A 372 2.07 38.08 -0.38
N VAL A 373 2.03 36.76 -0.15
CA VAL A 373 3.16 35.89 -0.44
C VAL A 373 3.14 35.56 -1.91
N ASP A 374 4.33 35.47 -2.52
CA ASP A 374 4.49 35.11 -3.94
C ASP A 374 4.79 33.62 -4.01
N PHE A 375 3.74 32.82 -4.11
CA PHE A 375 3.90 31.38 -4.05
C PHE A 375 4.50 30.84 -5.33
N ALA A 376 3.90 31.22 -6.48
CA ALA A 376 4.33 30.71 -7.77
C ALA A 376 5.81 30.95 -7.98
N GLY A 377 6.33 32.07 -7.50
CA GLY A 377 7.75 32.33 -7.62
C GLY A 377 8.57 31.46 -6.70
N TRP A 378 8.13 31.29 -5.46
CA TRP A 378 8.86 30.48 -4.51
C TRP A 378 8.93 29.03 -4.97
N LEU A 379 7.91 28.60 -5.70
CA LEU A 379 7.89 27.24 -6.20
C LEU A 379 8.91 27.07 -7.31
N CYS A 380 8.77 27.85 -8.40
CA CYS A 380 9.72 27.73 -9.51
C CYS A 380 11.17 27.93 -9.07
N SER A 381 11.44 28.88 -8.17
CA SER A 381 12.77 28.98 -7.54
C SER A 381 13.21 27.63 -7.01
N THR A 382 12.37 27.02 -6.18
CA THR A 382 12.74 25.83 -5.43
C THR A 382 12.95 24.64 -6.36
N ILE A 383 12.04 24.46 -7.33
CA ILE A 383 12.24 23.44 -8.37
C ILE A 383 13.50 23.71 -9.16
N GLY A 384 13.77 24.99 -9.48
CA GLY A 384 14.94 25.41 -10.19
C GLY A 384 14.62 26.01 -11.53
N LEU A 385 13.48 26.71 -11.66
CA LEU A 385 13.05 27.29 -12.93
C LEU A 385 12.91 28.83 -12.83
N ASN A 386 12.20 29.47 -13.76
CA ASN A 386 12.30 30.94 -13.92
C ASN A 386 10.94 31.63 -13.75
N GLN A 387 10.39 31.57 -12.54
CA GLN A 387 9.31 32.46 -12.11
C GLN A 387 8.06 32.45 -12.99
N ASP B 8 27.81 -27.08 -5.86
CA ASP B 8 27.54 -26.17 -4.74
C ASP B 8 27.97 -24.71 -5.02
N ASP B 9 27.56 -24.17 -6.18
CA ASP B 9 27.79 -22.78 -6.62
C ASP B 9 26.83 -22.46 -7.78
N TRP B 10 25.53 -22.29 -7.47
CA TRP B 10 24.45 -22.26 -8.47
C TRP B 10 24.20 -20.83 -8.95
N GLU B 11 24.70 -20.47 -10.14
CA GLU B 11 24.45 -19.16 -10.72
C GLU B 11 24.24 -19.32 -12.21
N ILE B 12 23.32 -18.53 -12.75
CA ILE B 12 23.03 -18.53 -14.19
C ILE B 12 23.66 -17.28 -14.80
N PRO B 13 24.36 -17.41 -15.91
CA PRO B 13 25.01 -16.25 -16.51
C PRO B 13 24.02 -15.47 -17.37
N ASP B 14 24.54 -14.42 -17.98
CA ASP B 14 23.77 -13.60 -18.86
C ASP B 14 23.48 -14.36 -20.15
N GLY B 15 22.64 -13.77 -20.99
CA GLY B 15 22.34 -14.33 -22.30
C GLY B 15 21.77 -15.72 -22.27
N GLN B 16 21.60 -16.27 -21.06
CA GLN B 16 20.94 -17.56 -20.90
C GLN B 16 19.44 -17.41 -20.69
N ILE B 17 19.02 -16.27 -20.16
CA ILE B 17 17.67 -16.09 -19.69
C ILE B 17 17.01 -15.08 -20.61
N THR B 18 16.08 -15.56 -21.44
CA THR B 18 15.27 -14.71 -22.30
C THR B 18 14.10 -14.15 -21.50
N VAL B 19 14.33 -12.99 -20.89
CA VAL B 19 13.32 -12.27 -20.12
C VAL B 19 12.21 -11.76 -21.05
N GLY B 20 10.98 -12.25 -20.86
CA GLY B 20 9.84 -11.93 -21.72
C GLY B 20 8.78 -11.02 -21.10
N GLN B 21 7.49 -11.39 -21.17
CA GLN B 21 6.41 -10.53 -20.67
C GLN B 21 6.57 -10.17 -19.19
N ARG B 22 6.27 -8.90 -18.85
CA ARG B 22 6.27 -8.41 -17.48
C ARG B 22 4.97 -8.82 -16.80
N ILE B 23 5.06 -9.70 -15.81
CA ILE B 23 3.87 -10.32 -15.26
C ILE B 23 3.27 -9.49 -14.14
N GLY B 24 4.11 -9.02 -13.22
CA GLY B 24 3.62 -8.26 -12.09
C GLY B 24 4.69 -8.14 -11.03
N SER B 25 4.39 -7.33 -10.02
CA SER B 25 5.31 -7.09 -8.91
C SER B 25 4.67 -7.48 -7.58
N GLY B 26 5.48 -8.00 -6.66
CA GLY B 26 5.01 -8.45 -5.36
C GLY B 26 5.54 -7.70 -4.14
N SER B 27 5.81 -8.39 -3.03
CA SER B 27 6.35 -7.67 -1.89
C SER B 27 7.86 -7.44 -1.97
N PHE B 28 8.58 -8.22 -2.81
CA PHE B 28 10.04 -8.12 -2.86
C PHE B 28 10.62 -8.35 -4.25
N GLY B 29 9.84 -8.22 -5.32
CA GLY B 29 10.42 -8.29 -6.65
C GLY B 29 9.38 -8.06 -7.73
N THR B 30 9.85 -8.10 -8.97
CA THR B 30 8.99 -8.02 -10.15
C THR B 30 9.24 -9.24 -11.02
N VAL B 31 8.17 -9.88 -11.48
CA VAL B 31 8.25 -11.17 -12.14
C VAL B 31 8.10 -11.00 -13.65
N TYR B 32 8.99 -11.65 -14.40
CA TYR B 32 8.85 -11.75 -15.84
C TYR B 32 8.82 -13.23 -16.21
N LYS B 33 7.90 -13.60 -17.11
CA LYS B 33 7.99 -14.92 -17.75
C LYS B 33 9.22 -14.95 -18.64
N GLY B 34 10.22 -15.73 -18.27
CA GLY B 34 11.42 -15.91 -19.07
C GLY B 34 11.46 -17.28 -19.72
N LYS B 35 12.52 -17.49 -20.51
CA LYS B 35 12.83 -18.80 -21.11
C LYS B 35 14.22 -19.23 -20.64
N TRP B 36 14.37 -20.54 -20.42
CA TRP B 36 15.60 -21.14 -19.87
C TRP B 36 15.40 -22.65 -19.80
N HIS B 37 15.69 -23.34 -20.89
CA HIS B 37 15.39 -24.76 -21.05
C HIS B 37 13.92 -25.01 -20.73
N GLY B 38 13.08 -24.16 -21.29
CA GLY B 38 11.66 -24.13 -21.04
C GLY B 38 11.26 -22.91 -20.23
N ASP B 39 9.96 -22.60 -20.26
CA ASP B 39 9.43 -21.48 -19.49
C ASP B 39 9.88 -21.55 -18.04
N VAL B 40 10.43 -20.45 -17.55
CA VAL B 40 10.58 -20.32 -16.10
C VAL B 40 9.88 -19.06 -15.61
N ALA B 41 10.15 -18.68 -14.37
CA ALA B 41 9.64 -17.44 -13.82
C ALA B 41 10.83 -16.64 -13.30
N VAL B 42 11.03 -15.46 -13.86
CA VAL B 42 12.17 -14.59 -13.57
C VAL B 42 11.69 -13.45 -12.68
N LYS B 43 12.13 -13.43 -11.43
CA LYS B 43 11.75 -12.41 -10.48
C LYS B 43 12.95 -11.52 -10.18
N MET B 44 12.90 -10.28 -10.72
CA MET B 44 13.96 -9.30 -10.58
C MET B 44 13.86 -8.70 -9.21
N LEU B 45 14.70 -9.18 -8.30
CA LEU B 45 14.60 -8.75 -6.91
C LEU B 45 14.67 -7.23 -6.79
N ASN B 46 14.15 -6.75 -5.67
CA ASN B 46 14.11 -5.33 -5.39
C ASN B 46 15.37 -4.85 -4.70
N VAL B 47 16.12 -5.77 -4.05
CA VAL B 47 17.45 -5.46 -3.57
C VAL B 47 18.36 -5.41 -4.80
N THR B 48 18.48 -4.23 -5.40
CA THR B 48 19.23 -4.06 -6.65
C THR B 48 20.74 -4.15 -6.40
N ALA B 49 21.26 -3.29 -5.51
CA ALA B 49 22.67 -3.31 -5.13
C ALA B 49 22.84 -4.14 -3.87
N PRO B 50 23.33 -5.39 -4.01
CA PRO B 50 23.51 -6.25 -2.83
C PRO B 50 24.90 -6.11 -2.22
N THR B 51 24.94 -5.82 -0.91
CA THR B 51 26.22 -5.73 -0.25
C THR B 51 26.87 -7.12 -0.22
N PRO B 52 28.20 -7.19 -0.39
CA PRO B 52 28.86 -8.50 -0.38
C PRO B 52 28.72 -9.28 0.91
N GLN B 53 28.26 -8.66 2.01
CA GLN B 53 27.86 -9.41 3.20
C GLN B 53 26.43 -9.94 3.05
N GLN B 54 25.56 -9.12 2.48
CA GLN B 54 24.24 -9.60 2.10
C GLN B 54 24.35 -10.64 0.98
N LEU B 55 25.23 -10.40 -0.01
CA LEU B 55 25.35 -11.27 -1.17
C LEU B 55 25.78 -12.69 -0.81
N GLN B 56 26.53 -12.87 0.28
CA GLN B 56 26.95 -14.22 0.61
C GLN B 56 25.89 -14.96 1.43
N ALA B 57 25.02 -14.23 2.13
CA ALA B 57 23.92 -14.87 2.83
C ALA B 57 22.87 -15.38 1.86
N PHE B 58 22.62 -14.61 0.80
CA PHE B 58 21.73 -15.00 -0.29
C PHE B 58 22.23 -16.26 -0.98
N LYS B 59 23.53 -16.29 -1.30
CA LYS B 59 24.11 -17.50 -1.87
C LYS B 59 23.85 -18.71 -0.99
N ASN B 60 24.13 -18.59 0.31
CA ASN B 60 23.90 -19.72 1.22
C ASN B 60 22.44 -20.17 1.22
N GLU B 61 21.50 -19.23 1.23
CA GLU B 61 20.11 -19.61 1.36
C GLU B 61 19.63 -20.30 0.07
N VAL B 62 20.13 -19.87 -1.10
CA VAL B 62 19.81 -20.54 -2.36
C VAL B 62 20.26 -22.00 -2.32
N GLY B 63 21.37 -22.26 -1.66
CA GLY B 63 21.79 -23.63 -1.47
C GLY B 63 20.71 -24.48 -0.83
N VAL B 64 20.05 -23.95 0.20
CA VAL B 64 19.08 -24.78 0.89
C VAL B 64 17.80 -24.89 0.09
N LEU B 65 17.41 -23.80 -0.61
CA LEU B 65 16.21 -23.85 -1.46
C LEU B 65 16.43 -24.75 -2.66
N ARG B 66 17.68 -24.88 -3.09
CA ARG B 66 18.00 -25.74 -4.26
C ARG B 66 17.73 -27.21 -3.91
N LYS B 67 18.18 -27.66 -2.73
CA LYS B 67 17.97 -29.04 -2.30
C LYS B 67 16.54 -29.30 -1.84
N THR B 68 15.56 -28.51 -2.27
CA THR B 68 14.18 -28.77 -1.94
C THR B 68 13.50 -29.36 -3.16
N ARG B 69 12.91 -30.55 -2.95
CA ARG B 69 12.19 -31.27 -4.04
C ARG B 69 10.96 -31.95 -3.44
N HIS B 70 9.76 -31.41 -3.71
CA HIS B 70 8.52 -31.94 -3.19
C HIS B 70 7.42 -31.64 -4.18
N VAL B 71 6.49 -32.60 -4.34
CA VAL B 71 5.38 -32.44 -5.30
C VAL B 71 4.63 -31.12 -5.14
N ASN B 72 4.51 -30.62 -3.92
CA ASN B 72 3.72 -29.42 -3.67
C ASN B 72 4.59 -28.17 -3.47
N ILE B 73 5.81 -28.19 -3.95
CA ILE B 73 6.73 -27.08 -3.84
C ILE B 73 7.18 -26.69 -5.23
N LEU B 74 7.27 -25.40 -5.52
CA LEU B 74 7.83 -24.97 -6.79
C LEU B 74 9.34 -25.10 -6.78
N LEU B 75 9.89 -25.64 -7.86
CA LEU B 75 11.32 -25.85 -7.92
C LEU B 75 12.08 -24.53 -7.93
N PHE B 76 13.07 -24.45 -7.08
CA PHE B 76 13.99 -23.33 -7.04
C PHE B 76 15.18 -23.67 -7.92
N MET B 77 15.32 -22.96 -9.03
CA MET B 77 16.31 -23.34 -10.04
C MET B 77 17.60 -22.55 -9.92
N GLY B 78 17.79 -21.80 -8.86
CA GLY B 78 18.95 -20.91 -8.80
C GLY B 78 18.61 -19.50 -9.26
N TYR B 79 19.65 -18.69 -9.42
CA TYR B 79 19.49 -17.25 -9.58
C TYR B 79 20.47 -16.74 -10.62
N SER B 80 20.50 -15.42 -10.80
CA SER B 80 21.52 -14.77 -11.61
C SER B 80 21.94 -13.46 -10.96
N THR B 81 22.99 -12.85 -11.48
CA THR B 81 23.36 -11.53 -11.01
C THR B 81 23.78 -10.61 -12.15
N LYS B 82 23.69 -11.07 -13.39
CA LYS B 82 24.31 -10.40 -14.52
C LYS B 82 23.65 -9.04 -14.71
N PRO B 83 22.48 -8.94 -15.34
CA PRO B 83 21.92 -7.58 -15.51
C PRO B 83 21.72 -6.98 -14.13
N GLN B 84 20.88 -7.65 -13.35
CA GLN B 84 20.62 -7.34 -11.95
C GLN B 84 20.42 -8.65 -11.22
N LEU B 85 20.49 -8.57 -9.90
CA LEU B 85 20.22 -9.74 -9.08
C LEU B 85 18.79 -10.22 -9.32
N ALA B 86 18.61 -11.53 -9.47
CA ALA B 86 17.29 -12.07 -9.80
C ALA B 86 17.18 -13.52 -9.30
N ILE B 87 16.07 -14.16 -9.62
CA ILE B 87 15.69 -15.47 -9.09
C ILE B 87 14.96 -16.23 -10.17
N VAL B 88 15.27 -17.51 -10.31
CA VAL B 88 14.66 -18.29 -11.37
C VAL B 88 14.02 -19.52 -10.76
N THR B 89 12.71 -19.61 -10.90
CA THR B 89 11.92 -20.70 -10.37
C THR B 89 10.98 -21.22 -11.46
N GLN B 90 10.33 -22.32 -11.14
CA GLN B 90 9.41 -22.98 -12.06
C GLN B 90 8.35 -22.01 -12.53
N TRP B 91 7.84 -22.22 -13.73
CA TRP B 91 6.73 -21.44 -14.26
C TRP B 91 5.45 -22.26 -14.12
N CYS B 92 4.47 -21.74 -13.37
CA CYS B 92 3.17 -22.39 -13.26
C CYS B 92 2.19 -21.91 -14.30
N GLU B 93 1.61 -22.87 -15.01
CA GLU B 93 0.59 -22.52 -15.97
C GLU B 93 -0.74 -22.29 -15.29
N GLY B 94 -0.90 -22.73 -14.04
CA GLY B 94 -2.12 -22.52 -13.28
C GLY B 94 -2.34 -21.07 -12.89
N SER B 95 -3.44 -20.85 -12.17
CA SER B 95 -3.76 -19.54 -11.63
C SER B 95 -3.60 -19.60 -10.12
N SER B 96 -3.14 -18.50 -9.52
CA SER B 96 -2.94 -18.50 -8.07
C SER B 96 -4.28 -18.73 -7.39
N LEU B 97 -4.21 -19.45 -6.27
CA LEU B 97 -5.41 -19.68 -5.46
C LEU B 97 -6.15 -18.40 -5.19
N TYR B 98 -5.40 -17.32 -4.98
CA TYR B 98 -6.03 -16.03 -4.85
C TYR B 98 -6.87 -15.71 -6.06
N HIS B 99 -6.34 -15.90 -7.27
CA HIS B 99 -7.13 -15.59 -8.46
C HIS B 99 -8.41 -16.42 -8.50
N HIS B 100 -8.28 -17.72 -8.30
CA HIS B 100 -9.44 -18.60 -8.25
C HIS B 100 -10.49 -18.12 -7.24
N LEU B 101 -10.07 -17.83 -6.00
CA LEU B 101 -11.05 -17.55 -4.95
C LEU B 101 -11.67 -16.16 -5.08
N HIS B 102 -10.88 -15.14 -5.36
CA HIS B 102 -11.33 -13.77 -5.22
C HIS B 102 -11.40 -13.02 -6.55
N ILE B 103 -11.03 -13.63 -7.66
CA ILE B 103 -11.12 -12.93 -8.93
C ILE B 103 -11.96 -13.75 -9.91
N ILE B 104 -11.55 -14.99 -10.19
CA ILE B 104 -12.36 -15.79 -11.10
C ILE B 104 -13.57 -16.38 -10.40
N GLU B 105 -13.54 -16.41 -9.06
CA GLU B 105 -14.61 -16.96 -8.21
C GLU B 105 -14.99 -18.38 -8.64
N THR B 106 -13.95 -19.22 -8.81
CA THR B 106 -14.12 -20.63 -9.16
C THR B 106 -14.97 -21.37 -8.13
N LYS B 107 -15.90 -22.21 -8.62
CA LYS B 107 -16.87 -22.86 -7.74
C LYS B 107 -16.42 -24.28 -7.48
N PHE B 108 -15.48 -24.44 -6.56
CA PHE B 108 -15.03 -25.76 -6.16
C PHE B 108 -16.03 -26.42 -5.21
N GLU B 109 -16.01 -27.74 -5.20
CA GLU B 109 -16.77 -28.46 -4.19
C GLU B 109 -15.98 -28.53 -2.90
N MET B 110 -16.71 -28.74 -1.81
CA MET B 110 -16.06 -28.86 -0.51
C MET B 110 -15.06 -30.00 -0.47
N ILE B 111 -15.30 -31.07 -1.23
CA ILE B 111 -14.34 -32.16 -1.29
C ILE B 111 -13.01 -31.65 -1.81
N LYS B 112 -13.05 -30.82 -2.85
CA LYS B 112 -11.86 -30.29 -3.48
C LYS B 112 -11.22 -29.16 -2.65
N LEU B 113 -12.03 -28.28 -2.04
CA LEU B 113 -11.51 -27.32 -1.07
C LEU B 113 -10.64 -27.99 -0.03
N ILE B 114 -11.12 -29.11 0.52
CA ILE B 114 -10.37 -29.75 1.62
C ILE B 114 -9.10 -30.37 1.07
N ASP B 115 -9.16 -30.90 -0.14
CA ASP B 115 -7.98 -31.40 -0.80
C ASP B 115 -6.94 -30.30 -1.00
N ILE B 116 -7.37 -29.11 -1.40
CA ILE B 116 -6.45 -27.96 -1.50
C ILE B 116 -5.78 -27.70 -0.16
N ALA B 117 -6.54 -27.79 0.92
CA ALA B 117 -5.96 -27.59 2.23
C ALA B 117 -4.96 -28.68 2.56
N ARG B 118 -5.29 -29.92 2.17
CA ARG B 118 -4.43 -31.04 2.48
C ARG B 118 -3.09 -30.92 1.76
N GLN B 119 -3.11 -30.64 0.46
CA GLN B 119 -1.84 -30.55 -0.24
C GLN B 119 -1.02 -29.37 0.23
N THR B 120 -1.70 -28.34 0.70
CA THR B 120 -0.96 -27.18 1.17
C THR B 120 -0.25 -27.50 2.47
N ALA B 121 -0.94 -28.17 3.38
CA ALA B 121 -0.25 -28.59 4.58
C ALA B 121 0.81 -29.63 4.24
N GLN B 122 0.55 -30.42 3.20
CA GLN B 122 1.53 -31.40 2.74
C GLN B 122 2.84 -30.72 2.38
N GLY B 123 2.78 -29.70 1.52
CA GLY B 123 3.98 -28.98 1.14
C GLY B 123 4.60 -28.25 2.31
N MET B 124 3.79 -27.58 3.12
CA MET B 124 4.32 -26.82 4.24
C MET B 124 5.07 -27.73 5.19
N ASP B 125 4.55 -28.94 5.38
CA ASP B 125 5.14 -29.87 6.31
C ASP B 125 6.56 -30.27 5.87
N TYR B 126 6.77 -30.46 4.57
CA TYR B 126 8.12 -30.72 4.05
C TYR B 126 9.05 -29.54 4.33
N LEU B 127 8.61 -28.31 4.02
CA LEU B 127 9.44 -27.14 4.31
C LEU B 127 9.83 -27.05 5.78
N HIS B 128 8.87 -27.18 6.70
CA HIS B 128 9.24 -27.20 8.11
C HIS B 128 10.11 -28.40 8.45
N ALA B 129 9.90 -29.52 7.76
CA ALA B 129 10.73 -30.70 8.01
C ALA B 129 12.18 -30.41 7.63
N LYS B 130 12.40 -29.65 6.57
CA LYS B 130 13.75 -29.22 6.25
C LYS B 130 14.11 -27.90 6.90
N SER B 131 13.35 -27.50 7.93
CA SER B 131 13.64 -26.33 8.76
C SER B 131 13.66 -25.05 7.93
N ILE B 132 12.63 -24.90 7.11
CA ILE B 132 12.47 -23.76 6.24
C ILE B 132 11.19 -23.05 6.67
N ILE B 133 11.31 -21.79 7.07
CA ILE B 133 10.15 -20.94 7.34
C ILE B 133 9.81 -20.24 6.05
N HIS B 134 8.55 -20.35 5.64
CA HIS B 134 8.12 -19.71 4.42
C HIS B 134 8.24 -18.19 4.53
N ARG B 135 7.69 -17.61 5.59
CA ARG B 135 7.69 -16.21 5.94
C ARG B 135 6.62 -15.43 5.19
N ASP B 136 6.05 -16.01 4.14
CA ASP B 136 5.22 -15.26 3.22
C ASP B 136 4.18 -16.17 2.61
N LEU B 137 3.59 -17.05 3.42
CA LEU B 137 2.56 -17.97 2.95
C LEU B 137 1.22 -17.26 2.82
N LYS B 138 0.67 -17.25 1.61
CA LYS B 138 -0.61 -16.62 1.30
C LYS B 138 -1.16 -17.26 0.04
N SER B 139 -2.42 -16.99 -0.28
CA SER B 139 -3.02 -17.70 -1.40
C SER B 139 -2.55 -17.15 -2.73
N ASN B 140 -1.79 -16.07 -2.71
CA ASN B 140 -1.13 -15.59 -3.91
C ASN B 140 0.08 -16.43 -4.24
N ASN B 141 0.63 -17.13 -3.25
CA ASN B 141 1.83 -17.96 -3.38
C ASN B 141 1.50 -19.44 -3.41
N ILE B 142 0.34 -19.77 -3.98
CA ILE B 142 -0.14 -21.14 -4.08
C ILE B 142 -0.82 -21.21 -5.43
N PHE B 143 -0.24 -22.01 -6.34
CA PHE B 143 -0.79 -22.19 -7.67
C PHE B 143 -1.41 -23.57 -7.76
N LEU B 144 -2.35 -23.69 -8.69
CA LEU B 144 -3.08 -24.92 -8.91
C LEU B 144 -2.73 -25.48 -10.29
N HIS B 145 -1.57 -26.13 -10.35
CA HIS B 145 -0.98 -26.59 -11.60
C HIS B 145 -1.85 -27.67 -12.20
N GLU B 146 -2.21 -27.49 -13.48
CA GLU B 146 -3.11 -28.42 -14.19
C GLU B 146 -4.48 -28.49 -13.53
N ASP B 147 -4.82 -27.46 -12.75
CA ASP B 147 -6.08 -27.33 -12.02
C ASP B 147 -6.25 -28.34 -10.89
N LEU B 148 -5.20 -29.10 -10.58
CA LEU B 148 -5.35 -30.11 -9.54
C LEU B 148 -4.30 -30.08 -8.43
N THR B 149 -3.04 -30.18 -8.81
CA THR B 149 -1.98 -30.22 -7.82
C THR B 149 -1.70 -28.82 -7.27
N VAL B 150 -1.37 -28.75 -5.98
CA VAL B 150 -1.00 -27.49 -5.30
C VAL B 150 0.49 -27.36 -5.28
N LYS B 151 0.95 -26.14 -5.47
CA LYS B 151 2.35 -25.83 -5.58
C LYS B 151 2.60 -24.52 -4.87
N ILE B 152 3.48 -24.54 -3.89
CA ILE B 152 3.75 -23.42 -3.01
C ILE B 152 5.05 -22.76 -3.44
N GLY B 153 4.99 -21.53 -3.94
CA GLY B 153 6.15 -20.75 -4.31
C GLY B 153 6.54 -19.70 -3.29
N ASP B 154 7.51 -18.86 -3.68
CA ASP B 154 7.92 -17.69 -2.86
C ASP B 154 8.21 -18.04 -1.41
N PHE B 155 8.84 -19.18 -1.16
CA PHE B 155 9.22 -19.52 0.20
C PHE B 155 10.63 -19.08 0.54
N GLY B 156 10.87 -18.94 1.84
CA GLY B 156 12.21 -18.64 2.35
C GLY B 156 12.67 -17.24 1.96
N LEU B 157 13.98 -17.15 1.64
CA LEU B 157 14.58 -15.94 1.05
C LEU B 157 14.63 -14.78 2.03
N ALA B 158 14.80 -15.10 3.32
CA ALA B 158 14.76 -14.08 4.37
C ALA B 158 15.70 -12.93 4.10
N THR B 159 16.77 -13.17 3.36
CA THR B 159 17.84 -12.18 3.25
C THR B 159 17.59 -11.16 2.15
N VAL B 160 16.78 -11.47 1.14
CA VAL B 160 16.42 -10.48 0.14
C VAL B 160 15.12 -9.76 0.47
N LYS B 161 14.45 -10.15 1.56
CA LYS B 161 13.31 -9.42 2.09
C LYS B 161 13.67 -8.79 3.42
N SER B 162 14.85 -8.18 3.48
CA SER B 162 15.28 -7.54 4.70
C SER B 162 16.02 -6.24 4.49
N ARG B 163 16.44 -5.89 3.27
CA ARG B 163 17.01 -4.57 3.02
C ARG B 163 18.14 -4.30 4.01
N TRP B 164 19.33 -4.84 3.75
CA TRP B 164 20.38 -4.85 4.77
C TRP B 164 21.14 -3.53 4.81
N SER B 165 21.76 -3.28 5.97
CA SER B 165 22.49 -2.05 6.27
C SER B 165 23.96 -2.14 5.85
N GLY B 166 24.68 -3.08 6.47
CA GLY B 166 26.03 -3.44 6.07
C GLY B 166 26.25 -4.91 6.38
N SER B 167 25.85 -5.31 7.59
CA SER B 167 25.87 -6.73 7.96
C SER B 167 24.75 -7.10 8.95
N HIS B 168 23.69 -6.30 9.05
CA HIS B 168 22.58 -6.55 9.97
C HIS B 168 21.29 -6.81 9.19
N GLN B 169 20.65 -7.97 9.46
CA GLN B 169 19.37 -8.35 8.86
C GLN B 169 18.27 -7.92 9.83
N PHE B 170 17.83 -6.65 9.73
CA PHE B 170 16.67 -6.18 10.50
C PHE B 170 15.42 -6.22 9.61
N GLU B 171 14.55 -7.21 9.86
CA GLU B 171 13.51 -7.55 8.90
C GLU B 171 12.54 -6.39 8.86
N GLN B 172 12.62 -5.60 7.79
CA GLN B 172 11.57 -4.62 7.56
C GLN B 172 10.28 -5.37 7.22
N LEU B 173 9.27 -5.16 8.04
CA LEU B 173 7.97 -5.80 7.85
C LEU B 173 7.48 -5.51 6.44
N SER B 174 7.46 -6.52 5.57
CA SER B 174 6.80 -6.34 4.30
C SER B 174 6.19 -7.68 3.89
N GLY B 175 5.36 -7.62 2.86
CA GLY B 175 4.40 -8.67 2.57
C GLY B 175 2.99 -8.10 2.75
N SER B 176 1.98 -8.95 2.55
CA SER B 176 0.63 -8.45 2.76
C SER B 176 0.27 -8.62 4.21
N ILE B 177 -0.45 -7.62 4.72
CA ILE B 177 -0.70 -7.53 6.15
C ILE B 177 -1.68 -8.60 6.62
N LEU B 178 -2.65 -8.96 5.81
CA LEU B 178 -3.43 -10.15 6.07
C LEU B 178 -2.46 -11.34 6.08
N TRP B 179 -2.86 -12.46 6.66
CA TRP B 179 -1.93 -13.59 6.82
C TRP B 179 -0.83 -13.36 7.86
N MET B 180 -0.49 -12.10 8.19
CA MET B 180 0.58 -11.82 9.13
C MET B 180 0.16 -12.13 10.56
N ALA B 181 0.90 -13.01 11.22
CA ALA B 181 0.65 -13.29 12.62
C ALA B 181 0.90 -12.03 13.45
N PRO B 182 0.16 -11.88 14.57
CA PRO B 182 0.29 -10.65 15.37
C PRO B 182 1.71 -10.38 15.81
N GLU B 183 2.41 -11.41 16.29
CA GLU B 183 3.79 -11.20 16.71
C GLU B 183 4.64 -10.75 15.54
N VAL B 184 4.27 -11.17 14.32
CA VAL B 184 4.99 -10.71 13.14
C VAL B 184 4.64 -9.27 12.84
N ILE B 185 3.36 -8.91 13.00
CA ILE B 185 2.98 -7.50 12.90
C ILE B 185 3.85 -6.65 13.80
N ARG B 186 3.99 -7.06 15.06
CA ARG B 186 4.62 -6.22 16.07
C ARG B 186 6.12 -6.07 15.85
N MET B 187 6.76 -7.06 15.24
CA MET B 187 8.24 -7.07 15.07
C MET B 187 8.96 -6.76 16.37
N GLN B 188 8.48 -7.35 17.45
CA GLN B 188 8.94 -6.91 18.76
C GLN B 188 9.96 -7.81 19.41
N ASP B 189 10.08 -9.07 19.01
CA ASP B 189 10.92 -10.02 19.71
C ASP B 189 11.79 -10.84 18.74
N LYS B 190 12.79 -10.16 18.15
CA LYS B 190 13.93 -10.77 17.48
C LYS B 190 13.56 -11.51 16.19
N ASN B 191 13.19 -12.78 16.37
CA ASN B 191 12.77 -13.76 15.37
C ASN B 191 11.26 -13.90 15.45
N PRO B 192 10.51 -12.98 14.87
CA PRO B 192 9.05 -13.06 14.96
C PRO B 192 8.52 -14.08 13.98
N TYR B 193 9.24 -14.22 12.87
CA TYR B 193 8.96 -15.27 11.91
C TYR B 193 9.34 -16.61 12.49
N SER B 194 8.37 -17.52 12.55
CA SER B 194 8.54 -18.79 13.22
C SER B 194 7.65 -19.83 12.57
N PHE B 195 7.86 -21.10 12.89
CA PHE B 195 6.96 -22.13 12.39
C PHE B 195 5.51 -21.80 12.68
N GLN B 196 5.22 -21.13 13.79
CA GLN B 196 3.81 -20.83 14.06
C GLN B 196 3.35 -19.55 13.39
N SER B 197 4.29 -18.68 12.99
CA SER B 197 3.88 -17.57 12.14
C SER B 197 3.34 -18.13 10.83
N ASP B 198 3.97 -19.19 10.31
CA ASP B 198 3.48 -19.82 9.08
C ASP B 198 2.14 -20.50 9.30
N VAL B 199 2.00 -21.25 10.41
CA VAL B 199 0.72 -21.86 10.74
C VAL B 199 -0.36 -20.80 10.81
N TYR B 200 -0.06 -19.65 11.43
CA TYR B 200 -1.05 -18.60 11.45
C TYR B 200 -1.42 -18.19 10.03
N ALA B 201 -0.43 -17.94 9.18
CA ALA B 201 -0.70 -17.64 7.79
C ALA B 201 -1.59 -18.71 7.20
N PHE B 202 -1.18 -19.96 7.34
CA PHE B 202 -1.97 -21.08 6.88
C PHE B 202 -3.40 -21.00 7.37
N GLY B 203 -3.60 -20.72 8.65
CA GLY B 203 -4.95 -20.54 9.18
C GLY B 203 -5.76 -19.49 8.43
N ILE B 204 -5.12 -18.40 8.02
CA ILE B 204 -5.81 -17.38 7.23
C ILE B 204 -6.19 -17.95 5.89
N VAL B 205 -5.33 -18.80 5.34
CA VAL B 205 -5.67 -19.35 4.04
C VAL B 205 -6.85 -20.30 4.17
N LEU B 206 -6.94 -21.03 5.28
CA LEU B 206 -8.15 -21.77 5.57
C LEU B 206 -9.36 -20.84 5.63
N TYR B 207 -9.19 -19.67 6.25
CA TYR B 207 -10.30 -18.73 6.29
C TYR B 207 -10.77 -18.42 4.89
N GLU B 208 -9.83 -18.13 3.98
CA GLU B 208 -10.15 -17.94 2.57
C GLU B 208 -10.99 -19.07 2.01
N LEU B 209 -10.46 -20.30 2.10
CA LEU B 209 -11.15 -21.49 1.61
C LEU B 209 -12.51 -21.64 2.25
N MET B 210 -12.59 -21.54 3.56
CA MET B 210 -13.86 -21.85 4.20
C MET B 210 -14.91 -20.77 4.02
N THR B 211 -14.54 -19.53 3.76
CA THR B 211 -15.52 -18.47 3.66
C THR B 211 -15.70 -17.90 2.25
N GLY B 212 -14.77 -18.12 1.35
CA GLY B 212 -14.82 -17.45 0.05
C GLY B 212 -14.48 -15.99 0.08
N GLN B 213 -14.06 -15.47 1.22
CA GLN B 213 -13.79 -14.05 1.44
C GLN B 213 -12.38 -13.92 2.01
N LEU B 214 -11.78 -12.74 1.84
CA LEU B 214 -10.62 -12.41 2.64
C LEU B 214 -11.05 -11.97 4.04
N PRO B 215 -10.18 -12.08 5.02
CA PRO B 215 -10.51 -11.58 6.36
C PRO B 215 -10.71 -10.08 6.38
N TYR B 216 -11.27 -9.61 7.48
CA TYR B 216 -11.57 -8.19 7.71
C TYR B 216 -12.15 -7.54 6.45
N SER B 217 -13.31 -8.04 6.05
CA SER B 217 -13.97 -7.50 4.87
C SER B 217 -14.62 -6.15 5.14
N ASN B 218 -15.19 -6.00 6.33
CA ASN B 218 -15.81 -4.77 6.80
C ASN B 218 -14.80 -3.69 7.21
N ILE B 219 -13.50 -3.91 7.08
CA ILE B 219 -12.51 -2.90 7.40
C ILE B 219 -11.83 -2.51 6.11
N ASN B 220 -11.63 -1.23 5.92
CA ASN B 220 -11.11 -0.72 4.66
C ASN B 220 -9.99 0.28 4.90
N ASN B 221 -9.18 0.01 5.91
CA ASN B 221 -8.14 0.93 6.35
C ASN B 221 -6.91 0.09 6.62
N ARG B 222 -5.87 0.24 5.81
CA ARG B 222 -4.69 -0.59 5.95
C ARG B 222 -4.13 -0.52 7.35
N ASP B 223 -3.81 0.70 7.80
CA ASP B 223 -3.11 0.88 9.07
C ASP B 223 -4.01 0.55 10.28
N GLN B 224 -5.33 0.74 10.16
CA GLN B 224 -6.23 0.30 11.22
C GLN B 224 -6.06 -1.19 11.51
N ILE B 225 -5.91 -2.01 10.47
CA ILE B 225 -5.79 -3.44 10.66
C ILE B 225 -4.45 -3.78 11.28
N ILE B 226 -3.39 -3.11 10.83
CA ILE B 226 -2.05 -3.38 11.34
C ILE B 226 -2.02 -3.18 12.83
N PHE B 227 -2.60 -2.06 13.30
CA PHE B 227 -2.57 -1.75 14.72
C PHE B 227 -3.44 -2.70 15.53
N MET B 228 -4.69 -2.92 15.10
CA MET B 228 -5.60 -3.72 15.91
C MET B 228 -5.20 -5.19 15.93
N VAL B 229 -4.70 -5.72 14.82
CA VAL B 229 -4.32 -7.11 14.86
C VAL B 229 -3.08 -7.28 15.72
N GLY B 230 -2.15 -6.33 15.62
CA GLY B 230 -0.95 -6.41 16.43
C GLY B 230 -1.21 -6.25 17.91
N ARG B 231 -2.26 -5.51 18.25
CA ARG B 231 -2.69 -5.27 19.63
C ARG B 231 -3.61 -6.37 20.16
N GLY B 232 -3.89 -7.39 19.37
CA GLY B 232 -4.88 -8.40 19.71
C GLY B 232 -6.32 -7.97 19.64
N TYR B 233 -6.63 -6.75 19.24
CA TYR B 233 -8.02 -6.31 19.25
C TYR B 233 -8.78 -6.90 18.09
N LEU B 234 -8.12 -7.23 16.99
CA LEU B 234 -8.85 -7.69 15.82
C LEU B 234 -8.49 -9.13 15.53
N SER B 235 -9.47 -9.86 15.06
CA SER B 235 -9.44 -11.27 14.86
C SER B 235 -10.40 -11.60 13.73
N PRO B 236 -10.03 -12.50 12.83
CA PRO B 236 -10.92 -12.82 11.71
C PRO B 236 -12.27 -13.29 12.20
N ASP B 237 -13.33 -12.75 11.61
CA ASP B 237 -14.69 -13.15 11.99
C ASP B 237 -15.05 -14.53 11.44
N LEU B 238 -14.94 -15.54 12.31
CA LEU B 238 -15.20 -16.91 11.90
C LEU B 238 -16.68 -17.18 11.66
N SER B 239 -17.56 -16.25 12.07
CA SER B 239 -18.96 -16.35 11.70
C SER B 239 -19.13 -16.59 10.21
N LYS B 240 -18.30 -15.93 9.40
CA LYS B 240 -18.45 -15.91 7.95
C LYS B 240 -18.15 -17.26 7.31
N VAL B 241 -17.84 -18.31 8.07
CA VAL B 241 -17.61 -19.64 7.50
C VAL B 241 -18.92 -20.18 6.94
N ARG B 242 -18.87 -20.74 5.72
CA ARG B 242 -20.06 -21.17 5.00
C ARG B 242 -20.80 -22.26 5.77
N SER B 243 -22.07 -22.43 5.42
CA SER B 243 -22.97 -23.26 6.21
C SER B 243 -22.46 -24.69 6.36
N ASN B 244 -22.00 -25.28 5.27
CA ASN B 244 -21.67 -26.70 5.21
C ASN B 244 -20.18 -26.97 5.24
N CYS B 245 -19.43 -26.21 6.01
CA CYS B 245 -18.02 -26.51 6.13
C CYS B 245 -17.95 -27.38 7.38
N PRO B 246 -17.29 -28.57 7.32
CA PRO B 246 -17.16 -29.40 8.53
C PRO B 246 -16.87 -28.73 9.87
N LYS B 247 -17.48 -29.26 10.93
CA LYS B 247 -17.20 -28.76 12.27
C LYS B 247 -15.73 -29.00 12.64
N ALA B 248 -15.19 -30.17 12.29
CA ALA B 248 -13.79 -30.47 12.61
C ALA B 248 -12.82 -29.57 11.86
N MET B 249 -13.30 -28.94 10.78
CA MET B 249 -12.50 -28.04 9.97
C MET B 249 -12.42 -26.65 10.60
N LYS B 250 -13.56 -26.09 10.96
CA LYS B 250 -13.58 -24.77 11.58
C LYS B 250 -12.74 -24.75 12.85
N ARG B 251 -12.81 -25.83 13.64
CA ARG B 251 -12.00 -25.88 14.86
C ARG B 251 -10.52 -25.85 14.53
N LEU B 252 -10.11 -26.56 13.50
CA LEU B 252 -8.71 -26.53 13.12
C LEU B 252 -8.28 -25.12 12.75
N MET B 253 -9.10 -24.44 11.94
CA MET B 253 -8.77 -23.06 11.56
C MET B 253 -8.53 -22.21 12.80
N ALA B 254 -9.43 -22.31 13.78
CA ALA B 254 -9.34 -21.50 14.97
C ALA B 254 -8.07 -21.76 15.76
N GLU B 255 -7.54 -22.98 15.72
CA GLU B 255 -6.30 -23.26 16.46
C GLU B 255 -5.09 -22.61 15.84
N CYS B 256 -5.08 -22.43 14.53
CA CYS B 256 -3.96 -21.78 13.86
C CYS B 256 -4.00 -20.28 14.07
N LEU B 257 -5.18 -19.73 14.30
CA LEU B 257 -5.35 -18.30 14.44
C LEU B 257 -5.12 -17.78 15.87
N LYS B 258 -4.67 -18.64 16.79
CA LYS B 258 -4.45 -18.24 18.19
C LYS B 258 -3.52 -17.05 18.27
N LYS B 259 -3.88 -16.08 19.12
CA LYS B 259 -3.13 -14.84 19.09
C LYS B 259 -1.72 -15.05 19.59
N LYS B 260 -1.56 -15.89 20.61
CA LYS B 260 -0.24 -16.22 21.12
C LYS B 260 0.31 -17.42 20.35
N ARG B 261 1.54 -17.28 19.84
CA ARG B 261 2.02 -18.24 18.87
C ARG B 261 2.14 -19.64 19.46
N ASP B 262 2.51 -19.72 20.72
CA ASP B 262 2.79 -21.03 21.32
C ASP B 262 1.55 -21.91 21.41
N GLU B 263 0.36 -21.33 21.33
CA GLU B 263 -0.82 -22.17 21.38
C GLU B 263 -1.16 -22.80 20.04
N ARG B 264 -0.54 -22.33 18.94
CA ARG B 264 -0.86 -22.83 17.61
C ARG B 264 -0.19 -24.18 17.37
N PRO B 265 -0.85 -25.07 16.64
CA PRO B 265 -0.24 -26.36 16.28
C PRO B 265 0.82 -26.27 15.20
N LEU B 266 1.68 -27.28 15.17
CA LEU B 266 2.61 -27.45 14.08
C LEU B 266 2.02 -28.35 13.01
N PHE B 267 2.68 -28.38 11.85
CA PHE B 267 2.04 -28.98 10.68
C PHE B 267 1.93 -30.49 10.74
N PRO B 268 2.87 -31.19 11.38
CA PRO B 268 2.65 -32.62 11.61
C PRO B 268 1.26 -32.88 12.14
N GLN B 269 0.87 -32.21 13.24
CA GLN B 269 -0.48 -32.40 13.77
C GLN B 269 -1.54 -31.87 12.80
N ILE B 270 -1.27 -30.74 12.14
CA ILE B 270 -2.28 -30.07 11.31
C ILE B 270 -2.65 -30.94 10.13
N LEU B 271 -1.64 -31.41 9.40
CA LEU B 271 -1.87 -32.32 8.29
C LEU B 271 -2.66 -33.54 8.74
N ALA B 272 -2.24 -34.16 9.87
CA ALA B 272 -2.99 -35.24 10.47
C ALA B 272 -4.45 -34.91 10.59
N SER B 273 -4.77 -33.80 11.24
CA SER B 273 -6.16 -33.40 11.41
C SER B 273 -6.91 -33.37 10.08
N ILE B 274 -6.25 -32.90 9.02
CA ILE B 274 -6.96 -32.70 7.75
C ILE B 274 -7.28 -34.05 7.12
N GLU B 275 -6.34 -34.99 7.18
CA GLU B 275 -6.56 -36.31 6.59
C GLU B 275 -7.65 -37.07 7.33
N LEU B 276 -7.83 -36.79 8.62
CA LEU B 276 -8.89 -37.46 9.37
C LEU B 276 -10.26 -37.09 8.83
N LEU B 277 -10.59 -35.80 8.78
CA LEU B 277 -11.88 -35.42 8.21
C LEU B 277 -11.93 -35.61 6.71
N ALA B 278 -10.80 -35.92 6.09
CA ALA B 278 -10.76 -36.11 4.65
C ALA B 278 -11.51 -37.37 4.22
N ARG B 279 -11.10 -38.53 4.75
CA ARG B 279 -11.79 -39.77 4.42
C ARG B 279 -13.17 -39.82 5.02
N SER B 280 -13.41 -39.04 6.07
CA SER B 280 -14.63 -39.13 6.84
C SER B 280 -15.84 -38.50 6.14
N LEU B 281 -16.11 -38.86 4.88
CA LEU B 281 -17.31 -38.39 4.18
C LEU B 281 -17.44 -38.93 2.75
#